data_5CGD
#
_entry.id   5CGD
#
_cell.length_a   143.574
_cell.length_b   43.727
_cell.length_c   81.862
_cell.angle_alpha   90.00
_cell.angle_beta   98.97
_cell.angle_gamma   90.00
#
_symmetry.space_group_name_H-M   'C 1 2 1'
#
loop_
_entity.id
_entity.type
_entity.pdbx_description
1 polymer 'Metabotropic glutamate receptor 5,Endolysin,Metabotropic glutamate receptor 5'
2 non-polymer 'OLEIC ACID'
3 non-polymer 3-chloro-5-[6-(5-fluoropyridin-2-yl)pyrimidin-4-yl]benzonitrile
4 water water
#
_entity_poly.entity_id   1
_entity_poly.type   'polypeptide(L)'
_entity_poly.pdbx_seq_one_letter_code
;AASPVQYLRWGDPAPIAAVVFACLGLLATLFVTVVFIIYRDTPVVKSSSRELCYIILAGICLGYLCTFCLIAKPKQIYCY
LQRIGIGLSPAMSYSALVTKTYRAARILAMSKKNIFEMLRIDEGLRLKIYKDTEGYYTIGIGHLLTKSPSLNAAKSELDK
AIGRNTNGVITKDEAEKLFNQDVDAAVRGILRNAKLKPVYDSLDAVRRAALINMVFQMGETGVAGFTNSLRMLQQKRWDE
AAVNLAKSRWYNQTPNRAKRVITTFRTGTWDAYKICTKKPRFMSACAQLVIAFILICIQLGIIVALFIMEPPDIMHDYPS
IREVYLICNTTNLGVVAPLGYNGLLILACTFYAFKTRNVPANFNEAKYIAFTMYTTCIIWLAFVPIYFGSNYKIITMCFS
VSLSATVALGCMFVPKVYIILAKPERNVRSAAAAHHHHHHHHHH
;
_entity_poly.pdbx_strand_id   A
#
loop_
_chem_comp.id
_chem_comp.type
_chem_comp.name
_chem_comp.formula
51E non-polymer 3-chloro-5-[6-(5-fluoropyridin-2-yl)pyrimidin-4-yl]benzonitrile 'C16 H8 Cl F N4'
OLA non-polymer 'OLEIC ACID' 'C18 H34 O2'
#
# COMPACT_ATOMS: atom_id res chain seq x y z
N SER A 3 24.43 -22.30 -28.15
CA SER A 3 24.31 -20.89 -28.49
C SER A 3 22.89 -20.53 -28.89
N PRO A 4 22.32 -19.51 -28.26
CA PRO A 4 20.96 -19.03 -28.53
C PRO A 4 20.74 -18.64 -29.99
N VAL A 5 21.79 -18.20 -30.66
CA VAL A 5 21.72 -17.81 -32.06
C VAL A 5 21.48 -19.05 -32.94
N GLN A 6 22.11 -20.16 -32.58
CA GLN A 6 21.98 -21.40 -33.32
C GLN A 6 20.52 -21.86 -33.43
N TYR A 7 19.83 -21.88 -32.30
CA TYR A 7 18.42 -22.28 -32.28
C TYR A 7 17.54 -21.29 -33.04
N LEU A 8 17.94 -20.03 -33.00
CA LEU A 8 17.24 -19.00 -33.76
C LEU A 8 17.34 -19.29 -35.26
N ARG A 9 18.48 -19.81 -35.67
CA ARG A 9 18.71 -20.13 -37.07
C ARG A 9 18.18 -21.52 -37.42
N TRP A 10 17.99 -22.36 -36.41
CA TRP A 10 17.38 -23.66 -36.63
C TRP A 10 15.86 -23.53 -36.73
N GLY A 11 15.33 -22.42 -36.24
CA GLY A 11 13.91 -22.14 -36.34
C GLY A 11 13.20 -21.95 -35.00
N ASP A 12 13.98 -21.84 -33.93
CA ASP A 12 13.41 -21.61 -32.61
C ASP A 12 13.93 -20.30 -32.01
N PRO A 13 13.09 -19.25 -32.03
CA PRO A 13 13.49 -17.92 -31.58
C PRO A 13 13.18 -17.66 -30.10
N ALA A 14 12.80 -18.71 -29.38
CA ALA A 14 12.45 -18.55 -27.96
C ALA A 14 13.66 -18.25 -27.06
N PRO A 15 14.75 -19.04 -27.17
CA PRO A 15 15.85 -18.75 -26.24
C PRO A 15 16.59 -17.44 -26.52
N ILE A 16 16.61 -16.98 -27.77
CA ILE A 16 17.26 -15.72 -28.09
C ILE A 16 16.41 -14.54 -27.61
N ALA A 17 15.09 -14.73 -27.59
CA ALA A 17 14.16 -13.69 -27.18
C ALA A 17 14.21 -13.47 -25.67
N ALA A 18 14.33 -14.57 -24.92
CA ALA A 18 14.37 -14.51 -23.47
C ALA A 18 15.65 -13.84 -22.97
N VAL A 19 16.74 -14.03 -23.72
CA VAL A 19 18.01 -13.41 -23.37
C VAL A 19 17.96 -11.91 -23.58
N VAL A 20 17.49 -11.50 -24.77
CA VAL A 20 17.35 -10.08 -25.09
C VAL A 20 16.44 -9.37 -24.10
N PHE A 21 15.32 -10.04 -23.77
CA PHE A 21 14.40 -9.56 -22.74
C PHE A 21 15.17 -9.35 -21.43
N ALA A 22 15.94 -10.36 -21.03
CA ALA A 22 16.70 -10.29 -19.79
C ALA A 22 17.80 -9.23 -19.85
N CYS A 23 18.41 -9.08 -21.02
CA CYS A 23 19.47 -8.09 -21.20
C CYS A 23 18.91 -6.67 -21.10
N LEU A 24 17.78 -6.43 -21.76
CA LEU A 24 17.11 -5.14 -21.67
C LEU A 24 16.63 -4.88 -20.24
N GLY A 25 16.31 -5.96 -19.54
CA GLY A 25 15.88 -5.87 -18.15
C GLY A 25 17.02 -5.44 -17.24
N LEU A 26 18.18 -6.07 -17.40
CA LEU A 26 19.35 -5.73 -16.61
C LEU A 26 19.82 -4.30 -16.90
N LEU A 27 19.75 -3.90 -18.16
CA LEU A 27 20.12 -2.54 -18.55
C LEU A 27 19.22 -1.50 -17.90
N ALA A 28 17.92 -1.76 -17.92
CA ALA A 28 16.94 -0.85 -17.34
C ALA A 28 17.10 -0.76 -15.82
N THR A 29 17.42 -1.88 -15.19
CA THR A 29 17.61 -1.92 -13.75
C THR A 29 18.92 -1.25 -13.36
N LEU A 30 19.94 -1.40 -14.21
CA LEU A 30 21.22 -0.75 -14.02
C LEU A 30 21.06 0.77 -14.10
N PHE A 31 20.26 1.20 -15.08
CA PHE A 31 19.98 2.63 -15.28
C PHE A 31 19.28 3.22 -14.06
N VAL A 32 18.18 2.59 -13.67
CA VAL A 32 17.37 3.05 -12.54
C VAL A 32 18.18 3.08 -11.23
N THR A 33 19.03 2.07 -11.04
CA THR A 33 19.83 1.98 -9.83
C THR A 33 20.85 3.11 -9.74
N VAL A 34 21.54 3.40 -10.84
CA VAL A 34 22.53 4.48 -10.87
C VAL A 34 21.87 5.83 -10.61
N VAL A 35 20.67 6.01 -11.17
CA VAL A 35 19.90 7.24 -10.99
C VAL A 35 19.65 7.54 -9.51
N PHE A 36 19.31 6.50 -8.76
CA PHE A 36 19.02 6.66 -7.33
C PHE A 36 20.27 6.87 -6.50
N ILE A 37 21.41 6.34 -6.97
CA ILE A 37 22.68 6.54 -6.29
C ILE A 37 23.12 8.00 -6.39
N ILE A 38 23.04 8.54 -7.60
CA ILE A 38 23.41 9.92 -7.86
C ILE A 38 22.50 10.89 -7.12
N TYR A 39 21.20 10.77 -7.34
CA TYR A 39 20.23 11.68 -6.75
C TYR A 39 19.59 11.09 -5.49
N ARG A 40 20.42 10.67 -4.55
CA ARG A 40 19.90 10.07 -3.31
C ARG A 40 19.39 11.15 -2.36
N ASP A 41 19.75 12.40 -2.61
CA ASP A 41 19.44 13.49 -1.71
C ASP A 41 18.19 14.26 -2.16
N THR A 42 17.66 13.91 -3.32
CA THR A 42 16.45 14.55 -3.85
C THR A 42 15.22 13.98 -3.15
N PRO A 43 14.36 14.87 -2.60
CA PRO A 43 13.15 14.56 -1.83
C PRO A 43 12.31 13.39 -2.34
N VAL A 44 12.31 13.15 -3.65
CA VAL A 44 11.54 12.06 -4.23
C VAL A 44 12.13 10.71 -3.84
N VAL A 45 13.43 10.68 -3.57
CA VAL A 45 14.11 9.45 -3.16
C VAL A 45 14.34 9.44 -1.65
N LYS A 46 14.51 10.63 -1.06
CA LYS A 46 14.82 10.75 0.35
C LYS A 46 13.62 10.46 1.24
N SER A 47 12.43 10.77 0.75
CA SER A 47 11.20 10.64 1.54
C SER A 47 10.75 9.19 1.67
N SER A 48 11.40 8.30 0.94
CA SER A 48 11.08 6.87 1.01
C SER A 48 12.24 6.08 1.61
N SER A 49 11.96 4.83 2.00
CA SER A 49 12.99 3.95 2.52
C SER A 49 13.97 3.58 1.41
N ARG A 50 15.20 4.07 1.50
CA ARG A 50 16.17 3.90 0.43
C ARG A 50 16.86 2.54 0.48
N GLU A 51 17.05 2.00 1.68
CA GLU A 51 17.66 0.68 1.82
C GLU A 51 16.75 -0.41 1.27
N LEU A 52 15.46 -0.27 1.51
CA LEU A 52 14.48 -1.23 1.03
C LEU A 52 14.44 -1.26 -0.50
N CYS A 53 14.58 -0.10 -1.11
CA CYS A 53 14.55 0.02 -2.57
C CYS A 53 15.72 -0.74 -3.21
N TYR A 54 16.89 -0.68 -2.58
CA TYR A 54 18.06 -1.38 -3.07
C TYR A 54 17.83 -2.90 -3.05
N ILE A 55 17.10 -3.36 -2.05
CA ILE A 55 16.76 -4.77 -1.93
C ILE A 55 15.73 -5.16 -2.97
N ILE A 56 14.79 -4.24 -3.25
CA ILE A 56 13.80 -4.46 -4.28
C ILE A 56 14.45 -4.48 -5.66
N LEU A 57 15.41 -3.59 -5.86
CA LEU A 57 16.14 -3.51 -7.13
C LEU A 57 17.04 -4.71 -7.34
N ALA A 58 17.61 -5.23 -6.25
CA ALA A 58 18.47 -6.40 -6.32
C ALA A 58 17.67 -7.64 -6.70
N GLY A 59 16.47 -7.76 -6.12
CA GLY A 59 15.59 -8.87 -6.41
C GLY A 59 15.13 -8.89 -7.85
N ILE A 60 14.90 -7.70 -8.41
CA ILE A 60 14.52 -7.58 -9.81
C ILE A 60 15.70 -7.92 -10.71
N CYS A 61 16.89 -7.52 -10.30
CA CYS A 61 18.11 -7.85 -11.04
C CYS A 61 18.33 -9.35 -11.11
N LEU A 62 18.25 -10.01 -9.95
CA LEU A 62 18.40 -11.47 -9.89
C LEU A 62 17.30 -12.16 -10.70
N GLY A 63 16.15 -11.50 -10.80
CA GLY A 63 15.05 -12.01 -11.59
C GLY A 63 15.42 -12.18 -13.04
N TYR A 64 16.01 -11.13 -13.63
CA TYR A 64 16.43 -11.19 -15.02
C TYR A 64 17.59 -12.16 -15.21
N LEU A 65 18.40 -12.31 -14.17
CA LEU A 65 19.54 -13.23 -14.21
C LEU A 65 19.09 -14.69 -14.22
N CYS A 66 17.83 -14.94 -13.83
CA CYS A 66 17.29 -16.29 -13.80
C CYS A 66 17.29 -16.95 -15.18
N THR A 67 16.94 -16.18 -16.20
CA THR A 67 16.85 -16.70 -17.56
C THR A 67 18.22 -17.11 -18.09
N PHE A 68 19.28 -16.63 -17.46
CA PHE A 68 20.63 -17.03 -17.81
C PHE A 68 20.98 -18.35 -17.13
N CYS A 69 20.14 -18.78 -16.20
CA CYS A 69 20.32 -20.05 -15.52
C CYS A 69 19.39 -21.09 -16.13
N LEU A 70 18.31 -20.62 -16.74
CA LEU A 70 17.38 -21.49 -17.46
C LEU A 70 17.86 -21.70 -18.89
N ILE A 71 18.65 -20.75 -19.36
CA ILE A 71 19.29 -20.83 -20.68
C ILE A 71 20.80 -20.86 -20.48
N ALA A 72 21.38 -22.05 -20.38
CA ALA A 72 22.81 -22.16 -20.08
C ALA A 72 23.41 -23.51 -20.45
N LYS A 73 24.73 -23.58 -20.40
CA LYS A 73 25.45 -24.83 -20.60
C LYS A 73 25.13 -25.78 -19.45
N PRO A 74 24.96 -27.07 -19.76
CA PRO A 74 24.56 -28.06 -18.77
C PRO A 74 25.61 -28.27 -17.67
N LYS A 75 25.55 -27.43 -16.64
CA LYS A 75 26.39 -27.61 -15.47
C LYS A 75 25.53 -27.89 -14.25
N GLN A 76 26.13 -28.44 -13.19
CA GLN A 76 25.37 -28.86 -12.03
C GLN A 76 24.84 -27.69 -11.20
N ILE A 77 25.71 -26.72 -10.93
CA ILE A 77 25.36 -25.61 -10.05
C ILE A 77 24.31 -24.67 -10.64
N TYR A 78 24.13 -24.74 -11.96
CA TYR A 78 23.12 -23.92 -12.62
C TYR A 78 21.73 -24.40 -12.24
N CYS A 79 21.61 -25.70 -11.94
CA CYS A 79 20.37 -26.24 -11.42
C CYS A 79 20.12 -25.69 -10.02
N TYR A 80 21.20 -25.51 -9.26
CA TYR A 80 21.11 -24.89 -7.95
C TYR A 80 20.71 -23.43 -8.07
N LEU A 81 21.36 -22.72 -9.00
CA LEU A 81 21.12 -21.29 -9.20
C LEU A 81 19.69 -21.00 -9.65
N GLN A 82 19.11 -21.93 -10.42
CA GLN A 82 17.72 -21.80 -10.86
C GLN A 82 16.77 -21.70 -9.66
N ARG A 83 16.78 -22.75 -8.84
CA ARG A 83 15.90 -22.83 -7.68
C ARG A 83 16.15 -21.72 -6.67
N ILE A 84 17.41 -21.37 -6.48
CA ILE A 84 17.78 -20.26 -5.61
C ILE A 84 17.32 -18.94 -6.22
N GLY A 85 17.40 -18.85 -7.54
CA GLY A 85 17.03 -17.63 -8.24
C GLY A 85 15.55 -17.44 -8.40
N ILE A 86 14.83 -18.49 -8.78
CA ILE A 86 13.39 -18.41 -9.00
C ILE A 86 12.66 -18.33 -7.66
N GLY A 87 13.32 -18.76 -6.59
CA GLY A 87 12.74 -18.75 -5.27
C GLY A 87 12.99 -17.49 -4.47
N LEU A 88 14.26 -17.09 -4.37
CA LEU A 88 14.64 -15.97 -3.51
C LEU A 88 14.41 -14.59 -4.11
N SER A 89 14.53 -14.48 -5.44
CA SER A 89 14.36 -13.20 -6.12
C SER A 89 13.00 -12.54 -5.86
N PRO A 90 11.89 -13.31 -5.94
CA PRO A 90 10.62 -12.65 -5.58
C PRO A 90 10.57 -12.35 -4.08
N ALA A 91 11.20 -13.21 -3.28
CA ALA A 91 11.19 -13.06 -1.83
C ALA A 91 11.99 -11.83 -1.38
N MET A 92 12.95 -11.40 -2.19
CA MET A 92 13.75 -10.24 -1.85
C MET A 92 13.00 -8.94 -2.13
N SER A 93 12.24 -8.92 -3.23
CA SER A 93 11.52 -7.72 -3.62
C SER A 93 10.21 -7.57 -2.85
N TYR A 94 9.47 -8.66 -2.72
CA TYR A 94 8.15 -8.63 -2.12
C TYR A 94 8.19 -8.49 -0.59
N SER A 95 9.13 -9.18 0.05
CA SER A 95 9.22 -9.11 1.51
C SER A 95 9.82 -7.79 1.98
N ALA A 96 10.48 -7.08 1.07
CA ALA A 96 10.97 -5.74 1.36
C ALA A 96 9.86 -4.74 1.10
N LEU A 97 8.98 -5.09 0.17
CA LEU A 97 7.87 -4.23 -0.20
C LEU A 97 6.74 -4.31 0.82
N VAL A 98 6.60 -5.46 1.47
CA VAL A 98 5.51 -5.64 2.44
C VAL A 98 5.79 -4.84 3.71
N THR A 99 7.06 -4.76 4.12
CA THR A 99 7.42 -4.01 5.30
C THR A 99 7.25 -2.52 5.04
N LYS A 100 7.38 -2.13 3.77
CA LYS A 100 7.15 -0.76 3.36
C LYS A 100 5.67 -0.42 3.36
N THR A 101 4.85 -1.34 2.86
CA THR A 101 3.41 -1.14 2.82
C THR A 101 2.81 -1.24 4.22
N TYR A 102 3.32 -2.20 5.00
CA TYR A 102 2.87 -2.37 6.39
C TYR A 102 3.13 -1.10 7.19
N ARG A 103 4.30 -0.49 6.98
CA ARG A 103 4.65 0.76 7.64
C ARG A 103 3.72 1.88 7.22
N ALA A 104 3.35 1.89 5.94
CA ALA A 104 2.41 2.88 5.43
C ALA A 104 1.01 2.64 5.98
N ALA A 105 0.72 1.39 6.32
CA ALA A 105 -0.58 1.02 6.86
C ALA A 105 -0.69 1.42 8.32
N ARG A 106 0.41 1.28 9.06
CA ARG A 106 0.44 1.64 10.48
C ARG A 106 0.38 3.15 10.66
N ILE A 107 1.09 3.88 9.80
CA ILE A 107 1.09 5.33 9.82
C ILE A 107 -0.31 5.88 9.54
N LEU A 108 -0.98 5.28 8.56
CA LEU A 108 -2.34 5.68 8.21
C LEU A 108 -3.31 5.36 9.34
N ALA A 109 -3.10 4.20 9.98
CA ALA A 109 -3.95 3.78 11.08
C ALA A 109 -3.79 4.71 12.28
N MET A 110 -2.57 5.18 12.50
CA MET A 110 -2.28 6.13 13.58
C MET A 110 -2.85 7.50 13.25
N SER A 111 -3.02 7.78 11.96
CA SER A 111 -3.64 9.03 11.53
C SER A 111 -5.13 9.01 11.86
N LYS A 112 -5.78 7.87 11.58
CA LYS A 112 -7.19 7.69 11.89
C LYS A 112 -7.40 7.62 13.40
N LYS A 113 -6.33 7.30 14.12
CA LYS A 113 -6.38 7.27 15.58
C LYS A 113 -6.53 8.67 16.16
N ASN A 114 -5.79 9.62 15.59
CA ASN A 114 -5.80 10.99 16.09
C ASN A 114 -7.15 11.67 15.91
N ILE A 115 -7.73 11.55 14.72
CA ILE A 115 -9.02 12.18 14.44
C ILE A 115 -10.12 11.53 15.28
N PHE A 116 -9.95 10.25 15.61
CA PHE A 116 -10.90 9.55 16.46
C PHE A 116 -10.92 10.14 17.86
N GLU A 117 -9.73 10.44 18.37
CA GLU A 117 -9.60 11.07 19.67
C GLU A 117 -10.13 12.50 19.64
N MET A 118 -9.97 13.14 18.48
CA MET A 118 -10.40 14.52 18.30
C MET A 118 -11.91 14.68 18.49
N LEU A 119 -12.68 13.79 17.88
CA LEU A 119 -14.13 13.88 17.93
C LEU A 119 -14.71 13.18 19.16
N ARG A 120 -13.91 12.34 19.80
CA ARG A 120 -14.30 11.75 21.08
C ARG A 120 -14.36 12.86 22.12
N ILE A 121 -13.47 13.83 21.98
CA ILE A 121 -13.39 14.96 22.87
C ILE A 121 -14.40 16.04 22.50
N ASP A 122 -14.55 16.28 21.19
CA ASP A 122 -15.42 17.35 20.71
C ASP A 122 -16.90 16.97 20.68
N GLU A 123 -17.20 15.72 20.30
CA GLU A 123 -18.58 15.34 20.06
C GLU A 123 -19.10 14.31 21.06
N GLY A 124 -18.20 13.48 21.57
CA GLY A 124 -18.58 12.51 22.58
C GLY A 124 -18.64 11.07 22.10
N LEU A 125 -19.04 10.17 22.99
CA LEU A 125 -18.97 8.73 22.72
C LEU A 125 -19.88 7.95 23.67
N ARG A 126 -20.59 6.96 23.14
CA ARG A 126 -21.41 6.08 23.97
C ARG A 126 -21.02 4.62 23.73
N LEU A 127 -20.76 3.90 24.82
CA LEU A 127 -20.31 2.52 24.71
C LEU A 127 -21.48 1.53 24.63
N LYS A 128 -22.71 2.05 24.69
CA LYS A 128 -23.88 1.20 24.47
C LYS A 128 -24.88 1.88 23.54
N ILE A 129 -25.82 1.09 23.02
CA ILE A 129 -26.76 1.54 22.00
C ILE A 129 -27.69 2.65 22.50
N TYR A 130 -27.83 3.69 21.68
CA TYR A 130 -28.76 4.77 21.96
C TYR A 130 -29.48 5.17 20.67
N LYS A 131 -30.17 6.30 20.71
CA LYS A 131 -30.85 6.81 19.53
C LYS A 131 -30.47 8.26 19.25
N ASP A 132 -30.44 8.64 17.98
CA ASP A 132 -30.18 10.02 17.62
C ASP A 132 -31.44 10.87 17.78
N THR A 133 -31.39 12.09 17.27
CA THR A 133 -32.52 13.00 17.38
C THR A 133 -33.73 12.55 16.57
N GLU A 134 -33.51 11.60 15.67
CA GLU A 134 -34.57 11.10 14.80
C GLU A 134 -34.99 9.68 15.14
N GLY A 135 -34.55 9.19 16.29
CA GLY A 135 -35.03 7.93 16.83
C GLY A 135 -34.38 6.67 16.27
N TYR A 136 -33.41 6.84 15.38
CA TYR A 136 -32.71 5.69 14.81
C TYR A 136 -31.63 5.18 15.75
N TYR A 137 -31.48 3.87 15.83
CA TYR A 137 -30.52 3.25 16.73
C TYR A 137 -29.09 3.60 16.36
N THR A 138 -28.32 3.98 17.36
CA THR A 138 -26.98 4.53 17.16
C THR A 138 -26.04 4.08 18.28
N ILE A 139 -24.75 3.99 17.98
CA ILE A 139 -23.76 3.64 18.98
C ILE A 139 -22.44 4.34 18.68
N GLY A 140 -21.59 4.47 19.69
CA GLY A 140 -20.30 5.12 19.52
C GLY A 140 -20.42 6.59 19.20
N ILE A 141 -19.54 7.08 18.32
CA ILE A 141 -19.59 8.47 17.90
C ILE A 141 -20.58 8.63 16.74
N GLY A 142 -21.87 8.63 17.08
CA GLY A 142 -22.92 8.88 16.11
C GLY A 142 -22.99 7.90 14.96
N HIS A 143 -22.56 6.66 15.19
CA HIS A 143 -22.56 5.65 14.15
C HIS A 143 -23.91 4.95 14.03
N LEU A 144 -24.61 5.18 12.93
CA LEU A 144 -25.91 4.55 12.68
C LEU A 144 -25.74 3.05 12.45
N LEU A 145 -26.53 2.26 13.17
CA LEU A 145 -26.48 0.81 13.05
C LEU A 145 -27.55 0.30 12.10
N THR A 146 -28.80 0.71 12.32
CA THR A 146 -29.92 0.32 11.48
C THR A 146 -31.03 1.36 11.56
N LYS A 147 -32.02 1.23 10.69
CA LYS A 147 -33.15 2.16 10.69
C LYS A 147 -34.46 1.44 11.03
N SER A 148 -34.34 0.20 11.48
CA SER A 148 -35.49 -0.57 11.92
C SER A 148 -35.76 -0.31 13.41
N PRO A 149 -37.03 -0.16 13.78
CA PRO A 149 -37.45 0.07 15.17
C PRO A 149 -37.05 -1.07 16.10
N SER A 150 -36.70 -2.21 15.53
CA SER A 150 -36.29 -3.38 16.30
C SER A 150 -34.95 -3.14 17.01
N LEU A 151 -34.98 -3.24 18.34
CA LEU A 151 -33.76 -3.15 19.13
C LEU A 151 -32.87 -4.36 18.84
N ASN A 152 -33.50 -5.47 18.47
CA ASN A 152 -32.80 -6.67 18.07
C ASN A 152 -32.05 -6.50 16.75
N ALA A 153 -32.61 -5.69 15.86
CA ALA A 153 -32.00 -5.43 14.56
C ALA A 153 -30.66 -4.72 14.71
N ALA A 154 -30.60 -3.77 15.65
CA ALA A 154 -29.39 -3.00 15.89
C ALA A 154 -28.28 -3.88 16.49
N LYS A 155 -28.68 -4.82 17.33
CA LYS A 155 -27.72 -5.72 17.96
C LYS A 155 -27.11 -6.69 16.96
N SER A 156 -27.91 -7.11 15.97
CA SER A 156 -27.46 -8.03 14.94
C SER A 156 -26.47 -7.35 14.00
N GLU A 157 -26.78 -6.11 13.61
CA GLU A 157 -25.89 -5.33 12.77
C GLU A 157 -24.58 -5.03 13.48
N LEU A 158 -24.67 -4.84 14.79
CA LEU A 158 -23.49 -4.53 15.60
C LEU A 158 -22.54 -5.72 15.67
N ASP A 159 -23.09 -6.92 15.86
CA ASP A 159 -22.29 -8.13 15.96
C ASP A 159 -21.58 -8.46 14.65
N LYS A 160 -22.21 -8.11 13.54
CA LYS A 160 -21.60 -8.33 12.23
C LYS A 160 -20.46 -7.35 11.98
N ALA A 161 -20.57 -6.17 12.59
CA ALA A 161 -19.58 -5.12 12.39
C ALA A 161 -18.39 -5.27 13.33
N ILE A 162 -18.64 -5.80 14.53
CA ILE A 162 -17.58 -5.97 15.52
C ILE A 162 -16.89 -7.32 15.38
N GLY A 163 -17.69 -8.38 15.28
CA GLY A 163 -17.16 -9.72 15.11
C GLY A 163 -17.32 -10.58 16.35
N ARG A 164 -18.23 -10.19 17.23
CA ARG A 164 -18.50 -10.95 18.44
C ARG A 164 -19.90 -10.65 18.97
N ASN A 165 -20.31 -11.39 20.01
CA ASN A 165 -21.57 -11.13 20.67
C ASN A 165 -21.43 -9.98 21.67
N THR A 166 -21.83 -8.78 21.25
CA THR A 166 -21.57 -7.57 22.02
C THR A 166 -22.64 -7.28 23.07
N ASN A 167 -23.85 -7.79 22.83
CA ASN A 167 -24.99 -7.52 23.71
C ASN A 167 -25.27 -6.02 23.86
N GLY A 168 -25.04 -5.27 22.79
CA GLY A 168 -25.31 -3.85 22.77
C GLY A 168 -24.25 -3.01 23.45
N VAL A 169 -23.15 -3.64 23.87
CA VAL A 169 -22.08 -2.94 24.56
C VAL A 169 -20.74 -3.17 23.86
N ILE A 170 -20.06 -2.09 23.50
CA ILE A 170 -18.76 -2.16 22.85
C ILE A 170 -17.68 -1.50 23.69
N THR A 171 -16.49 -1.36 23.11
CA THR A 171 -15.39 -0.70 23.79
C THR A 171 -14.93 0.52 22.99
N LYS A 172 -13.94 1.24 23.51
CA LYS A 172 -13.41 2.41 22.84
C LYS A 172 -12.75 2.05 21.51
N ASP A 173 -12.02 0.94 21.49
CA ASP A 173 -11.36 0.47 20.29
C ASP A 173 -12.37 0.02 19.23
N GLU A 174 -13.41 -0.68 19.68
CA GLU A 174 -14.46 -1.15 18.79
C GLU A 174 -15.31 0.02 18.28
N ALA A 175 -15.36 1.09 19.06
CA ALA A 175 -16.05 2.30 18.65
C ALA A 175 -15.22 3.04 17.61
N GLU A 176 -13.90 2.89 17.69
CA GLU A 176 -13.00 3.48 16.71
C GLU A 176 -13.11 2.74 15.38
N LYS A 177 -13.34 1.43 15.47
CA LYS A 177 -13.53 0.60 14.29
C LYS A 177 -14.70 1.08 13.45
N LEU A 178 -15.81 1.36 14.11
CA LEU A 178 -17.00 1.88 13.46
C LEU A 178 -16.78 3.31 12.98
N PHE A 179 -15.96 4.06 13.71
CA PHE A 179 -15.70 5.46 13.39
C PHE A 179 -14.91 5.59 12.10
N ASN A 180 -13.94 4.70 11.92
CA ASN A 180 -13.11 4.68 10.71
C ASN A 180 -13.94 4.64 9.44
N GLN A 181 -15.06 3.92 9.50
CA GLN A 181 -15.98 3.83 8.38
C GLN A 181 -16.64 5.19 8.11
N ASP A 182 -17.16 5.81 9.17
CA ASP A 182 -17.83 7.10 9.05
C ASP A 182 -16.90 8.18 8.52
N VAL A 183 -15.62 8.09 8.88
CA VAL A 183 -14.63 9.04 8.38
C VAL A 183 -14.45 8.87 6.87
N ASP A 184 -14.26 7.62 6.45
CA ASP A 184 -14.09 7.30 5.04
C ASP A 184 -15.33 7.69 4.24
N ALA A 185 -16.49 7.57 4.86
CA ALA A 185 -17.75 7.96 4.22
C ALA A 185 -17.82 9.48 4.09
N ALA A 186 -17.28 10.18 5.09
CA ALA A 186 -17.28 11.64 5.09
C ALA A 186 -16.32 12.19 4.05
N VAL A 187 -15.17 11.55 3.91
CA VAL A 187 -14.17 11.96 2.94
C VAL A 187 -14.72 11.83 1.52
N ARG A 188 -15.47 10.76 1.29
CA ARG A 188 -16.11 10.53 -0.01
C ARG A 188 -17.01 11.69 -0.40
N GLY A 189 -17.83 12.15 0.56
CA GLY A 189 -18.75 13.24 0.30
C GLY A 189 -18.06 14.56 0.01
N ILE A 190 -16.96 14.81 0.73
CA ILE A 190 -16.18 16.03 0.53
C ILE A 190 -15.60 16.09 -0.87
N LEU A 191 -15.08 14.96 -1.34
CA LEU A 191 -14.48 14.87 -2.66
C LEU A 191 -15.54 14.94 -3.77
N ARG A 192 -16.78 14.67 -3.41
CA ARG A 192 -17.89 14.79 -4.35
C ARG A 192 -18.58 16.14 -4.21
N ASN A 193 -18.02 16.99 -3.36
CA ASN A 193 -18.52 18.36 -3.19
C ASN A 193 -17.56 19.35 -3.84
N ALA A 194 -18.06 20.11 -4.81
CA ALA A 194 -17.23 21.01 -5.60
C ALA A 194 -16.66 22.17 -4.78
N LYS A 195 -17.34 22.52 -3.69
CA LYS A 195 -16.93 23.65 -2.87
C LYS A 195 -15.96 23.26 -1.77
N LEU A 196 -15.90 21.96 -1.46
CA LEU A 196 -15.08 21.47 -0.37
C LEU A 196 -13.85 20.69 -0.85
N LYS A 197 -13.90 20.23 -2.10
CA LYS A 197 -12.82 19.42 -2.65
C LYS A 197 -11.49 20.17 -2.84
N PRO A 198 -11.53 21.39 -3.43
CA PRO A 198 -10.23 22.07 -3.60
C PRO A 198 -9.55 22.43 -2.28
N VAL A 199 -10.34 22.75 -1.26
CA VAL A 199 -9.79 23.08 0.05
C VAL A 199 -9.15 21.85 0.69
N TYR A 200 -9.87 20.74 0.64
CA TYR A 200 -9.43 19.48 1.25
C TYR A 200 -8.14 18.96 0.62
N ASP A 201 -7.96 19.23 -0.67
CA ASP A 201 -6.79 18.74 -1.39
C ASP A 201 -5.53 19.53 -1.04
N SER A 202 -5.71 20.75 -0.56
CA SER A 202 -4.57 21.64 -0.29
C SER A 202 -4.04 21.49 1.13
N LEU A 203 -4.91 21.13 2.07
CA LEU A 203 -4.54 21.07 3.48
C LEU A 203 -3.67 19.87 3.81
N ASP A 204 -2.87 19.99 4.87
CA ASP A 204 -2.06 18.89 5.36
C ASP A 204 -2.93 17.88 6.12
N ALA A 205 -2.29 16.86 6.69
CA ALA A 205 -3.00 15.78 7.36
C ALA A 205 -3.81 16.25 8.56
N VAL A 206 -3.20 17.07 9.41
CA VAL A 206 -3.85 17.57 10.61
C VAL A 206 -5.04 18.47 10.30
N ARG A 207 -4.84 19.44 9.40
CA ARG A 207 -5.87 20.40 9.08
C ARG A 207 -7.05 19.78 8.34
N ARG A 208 -6.83 18.61 7.74
CA ARG A 208 -7.89 17.88 7.07
C ARG A 208 -8.87 17.29 8.09
N ALA A 209 -8.32 16.87 9.22
CA ALA A 209 -9.14 16.35 10.32
C ALA A 209 -10.04 17.45 10.88
N ALA A 210 -9.51 18.67 10.94
CA ALA A 210 -10.27 19.81 11.44
C ALA A 210 -11.44 20.12 10.52
N LEU A 211 -11.23 19.95 9.22
CA LEU A 211 -12.27 20.21 8.24
C LEU A 211 -13.37 19.15 8.33
N ILE A 212 -12.95 17.90 8.51
CA ILE A 212 -13.88 16.80 8.69
C ILE A 212 -14.70 16.98 9.97
N ASN A 213 -14.03 17.51 11.00
CA ASN A 213 -14.69 17.82 12.26
C ASN A 213 -15.88 18.77 12.04
N MET A 214 -15.66 19.82 11.24
CA MET A 214 -16.70 20.78 10.94
C MET A 214 -17.84 20.13 10.15
N VAL A 215 -17.48 19.21 9.26
CA VAL A 215 -18.47 18.48 8.47
C VAL A 215 -19.34 17.59 9.36
N PHE A 216 -18.72 16.97 10.36
CA PHE A 216 -19.45 16.08 11.26
C PHE A 216 -20.35 16.85 12.23
N GLN A 217 -20.21 18.17 12.27
CA GLN A 217 -21.03 18.98 13.16
C GLN A 217 -22.13 19.73 12.40
N MET A 218 -21.79 20.27 11.24
CA MET A 218 -22.71 21.14 10.51
C MET A 218 -23.20 20.51 9.19
N GLY A 219 -22.50 19.48 8.73
CA GLY A 219 -22.84 18.87 7.46
C GLY A 219 -22.09 19.56 6.32
N GLU A 220 -22.10 18.92 5.15
CA GLU A 220 -21.36 19.44 4.00
C GLU A 220 -21.95 20.76 3.50
N THR A 221 -23.27 20.85 3.47
CA THR A 221 -23.95 22.06 3.03
C THR A 221 -23.61 23.21 3.98
N GLY A 222 -23.41 22.89 5.26
CA GLY A 222 -23.05 23.88 6.25
C GLY A 222 -21.64 24.41 6.09
N VAL A 223 -20.68 23.52 5.86
CA VAL A 223 -19.28 23.91 5.74
C VAL A 223 -19.05 24.75 4.49
N ALA A 224 -19.78 24.44 3.42
CA ALA A 224 -19.67 25.18 2.18
C ALA A 224 -20.10 26.64 2.34
N GLY A 225 -20.78 26.93 3.42
CA GLY A 225 -21.22 28.28 3.72
C GLY A 225 -20.06 29.20 4.09
N PHE A 226 -18.98 28.61 4.59
CA PHE A 226 -17.79 29.37 4.94
C PHE A 226 -16.93 29.67 3.71
N THR A 227 -17.53 30.28 2.71
CA THR A 227 -16.88 30.53 1.42
C THR A 227 -15.56 31.30 1.53
N ASN A 228 -15.59 32.44 2.21
CA ASN A 228 -14.38 33.24 2.39
C ASN A 228 -13.31 32.51 3.20
N SER A 229 -13.72 31.95 4.33
CA SER A 229 -12.79 31.27 5.23
C SER A 229 -12.14 30.06 4.55
N LEU A 230 -12.91 29.37 3.71
CA LEU A 230 -12.40 28.23 2.96
C LEU A 230 -11.36 28.66 1.94
N ARG A 231 -11.57 29.84 1.36
CA ARG A 231 -10.62 30.40 0.40
C ARG A 231 -9.33 30.80 1.10
N MET A 232 -9.45 31.32 2.31
CA MET A 232 -8.29 31.72 3.10
C MET A 232 -7.44 30.51 3.48
N LEU A 233 -8.08 29.44 3.92
CA LEU A 233 -7.39 28.21 4.28
C LEU A 233 -6.68 27.60 3.08
N GLN A 234 -7.32 27.68 1.93
CA GLN A 234 -6.78 27.13 0.69
C GLN A 234 -5.55 27.90 0.22
N GLN A 235 -5.56 29.21 0.46
CA GLN A 235 -4.42 30.05 0.13
C GLN A 235 -3.41 30.06 1.28
N LYS A 236 -3.63 29.16 2.23
CA LYS A 236 -2.75 28.97 3.38
C LYS A 236 -2.59 30.23 4.23
N ARG A 237 -3.65 31.04 4.26
CA ARG A 237 -3.69 32.20 5.14
C ARG A 237 -4.39 31.81 6.44
N TRP A 238 -3.63 31.20 7.35
CA TRP A 238 -4.21 30.62 8.56
C TRP A 238 -4.75 31.67 9.53
N ASP A 239 -3.95 32.69 9.80
CA ASP A 239 -4.33 33.73 10.76
C ASP A 239 -5.60 34.46 10.35
N GLU A 240 -5.73 34.77 9.06
CA GLU A 240 -6.91 35.45 8.55
C GLU A 240 -8.14 34.55 8.62
N ALA A 241 -7.93 33.27 8.31
CA ALA A 241 -9.00 32.28 8.39
C ALA A 241 -9.53 32.17 9.82
N ALA A 242 -8.62 32.16 10.77
CA ALA A 242 -8.96 32.10 12.19
C ALA A 242 -9.80 33.29 12.60
N VAL A 243 -9.28 34.48 12.34
CA VAL A 243 -9.98 35.73 12.63
C VAL A 243 -11.36 35.73 11.97
N ASN A 244 -11.42 35.23 10.75
CA ASN A 244 -12.67 35.17 10.01
C ASN A 244 -13.66 34.20 10.61
N LEU A 245 -13.16 33.09 11.16
CA LEU A 245 -14.00 32.04 11.72
C LEU A 245 -14.51 32.39 13.12
N ALA A 246 -13.80 33.29 13.79
CA ALA A 246 -14.17 33.70 15.13
C ALA A 246 -15.35 34.68 15.12
N LYS A 247 -15.81 35.00 13.91
CA LYS A 247 -16.92 35.94 13.74
C LYS A 247 -18.21 35.23 13.38
N SER A 248 -18.10 33.95 13.03
CA SER A 248 -19.24 33.17 12.57
C SER A 248 -20.25 32.90 13.70
N ARG A 249 -21.48 32.60 13.31
CA ARG A 249 -22.51 32.21 14.27
C ARG A 249 -22.15 30.87 14.89
N TRP A 250 -21.40 30.08 14.13
CA TRP A 250 -20.90 28.78 14.60
C TRP A 250 -19.96 28.93 15.78
N TYR A 251 -19.09 29.93 15.73
CA TYR A 251 -18.19 30.21 16.84
C TYR A 251 -18.96 30.67 18.07
N ASN A 252 -20.04 31.43 17.86
CA ASN A 252 -20.79 31.99 18.97
C ASN A 252 -21.82 31.03 19.57
N GLN A 253 -22.23 30.05 18.77
CA GLN A 253 -23.23 29.09 19.22
C GLN A 253 -22.57 27.93 19.98
N THR A 254 -21.39 27.51 19.52
CA THR A 254 -20.63 26.47 20.20
C THR A 254 -19.17 26.89 20.36
N PRO A 255 -18.91 27.84 21.26
CA PRO A 255 -17.60 28.48 21.42
C PRO A 255 -16.47 27.55 21.87
N ASN A 256 -16.75 26.68 22.83
CA ASN A 256 -15.72 25.81 23.39
C ASN A 256 -15.08 24.90 22.34
N ARG A 257 -15.93 24.25 21.53
CA ARG A 257 -15.46 23.34 20.49
C ARG A 257 -14.86 24.08 19.31
N ALA A 258 -15.55 25.13 18.87
CA ALA A 258 -15.11 25.91 17.72
C ALA A 258 -13.72 26.51 17.93
N LYS A 259 -13.41 26.86 19.18
CA LYS A 259 -12.12 27.43 19.51
C LYS A 259 -10.99 26.43 19.29
N ARG A 260 -11.28 25.15 19.54
CA ARG A 260 -10.28 24.09 19.37
C ARG A 260 -10.09 23.74 17.90
N VAL A 261 -11.17 23.79 17.13
CA VAL A 261 -11.10 23.49 15.70
C VAL A 261 -10.33 24.57 14.96
N ILE A 262 -10.62 25.83 15.28
CA ILE A 262 -9.94 26.98 14.70
C ILE A 262 -8.45 26.94 14.99
N THR A 263 -8.10 26.62 16.25
CA THR A 263 -6.72 26.56 16.67
C THR A 263 -5.95 25.52 15.87
N THR A 264 -6.63 24.43 15.53
CA THR A 264 -6.05 23.38 14.69
C THR A 264 -5.75 23.90 13.29
N PHE A 265 -6.62 24.76 12.78
CA PHE A 265 -6.41 25.41 11.49
C PHE A 265 -5.21 26.34 11.55
N ARG A 266 -5.11 27.11 12.62
CA ARG A 266 -4.03 28.07 12.82
C ARG A 266 -2.65 27.43 12.77
N THR A 267 -2.43 26.46 13.66
CA THR A 267 -1.10 25.90 13.86
C THR A 267 -0.82 24.67 13.01
N GLY A 268 -1.87 23.90 12.72
CA GLY A 268 -1.72 22.66 11.99
C GLY A 268 -1.20 21.56 12.91
N THR A 269 -1.39 21.77 14.21
CA THR A 269 -0.95 20.81 15.21
C THR A 269 -2.12 20.34 16.06
N TRP A 270 -1.85 19.44 17.00
CA TRP A 270 -2.87 18.96 17.92
C TRP A 270 -2.74 19.60 19.28
N ASP A 271 -2.34 20.87 19.32
CA ASP A 271 -2.10 21.56 20.59
C ASP A 271 -3.37 21.79 21.39
N ALA A 272 -4.49 22.02 20.70
CA ALA A 272 -5.76 22.31 21.36
C ALA A 272 -6.36 21.04 21.97
N TYR A 273 -5.80 19.90 21.63
CA TYR A 273 -6.28 18.62 22.16
C TYR A 273 -5.17 17.94 22.97
N LYS A 274 -5.56 17.25 24.03
CA LYS A 274 -4.60 16.49 24.82
C LYS A 274 -4.00 15.38 23.96
N ILE A 275 -4.82 14.84 23.07
CA ILE A 275 -4.43 13.87 22.04
C ILE A 275 -3.39 12.85 22.50
N SER A 284 10.78 2.28 12.74
CA SER A 284 12.24 2.28 12.78
C SER A 284 12.81 1.70 11.50
N ALA A 285 13.79 2.40 10.92
CA ALA A 285 14.41 1.98 9.68
C ALA A 285 15.17 0.67 9.82
N CYS A 286 15.90 0.54 10.93
CA CYS A 286 16.69 -0.66 11.19
C CYS A 286 15.80 -1.88 11.41
N ALA A 287 14.64 -1.65 12.04
CA ALA A 287 13.69 -2.72 12.31
C ALA A 287 13.10 -3.28 11.02
N GLN A 288 12.94 -2.42 10.02
CA GLN A 288 12.40 -2.83 8.73
C GLN A 288 13.37 -3.76 7.99
N LEU A 289 14.65 -3.46 8.07
CA LEU A 289 15.67 -4.25 7.39
C LEU A 289 15.81 -5.63 8.03
N VAL A 290 15.68 -5.69 9.34
CA VAL A 290 15.76 -6.95 10.07
C VAL A 290 14.58 -7.85 9.72
N ILE A 291 13.38 -7.29 9.75
CA ILE A 291 12.17 -8.03 9.41
C ILE A 291 12.20 -8.52 7.96
N ALA A 292 12.63 -7.65 7.06
CA ALA A 292 12.78 -8.02 5.66
C ALA A 292 13.77 -9.17 5.52
N PHE A 293 14.88 -9.06 6.26
CA PHE A 293 15.92 -10.09 6.28
C PHE A 293 15.39 -11.43 6.77
N ILE A 294 14.49 -11.39 7.75
CA ILE A 294 13.91 -12.60 8.32
C ILE A 294 13.00 -13.30 7.31
N LEU A 295 12.16 -12.52 6.64
CA LEU A 295 11.23 -13.07 5.66
C LEU A 295 11.97 -13.67 4.46
N ILE A 296 13.16 -13.15 4.17
CA ILE A 296 13.97 -13.66 3.07
C ILE A 296 14.67 -14.95 3.47
N CYS A 297 15.07 -15.04 4.74
CA CYS A 297 15.73 -16.23 5.28
C CYS A 297 14.78 -17.41 5.37
N ILE A 298 13.50 -17.13 5.60
CA ILE A 298 12.48 -18.16 5.67
C ILE A 298 12.34 -18.85 4.32
N GLN A 299 12.35 -18.06 3.25
CA GLN A 299 12.27 -18.60 1.89
C GLN A 299 13.52 -19.42 1.57
N LEU A 300 14.68 -18.94 2.02
CA LEU A 300 15.93 -19.66 1.82
C LEU A 300 15.92 -21.00 2.56
N GLY A 301 15.36 -20.99 3.76
CA GLY A 301 15.22 -22.20 4.55
C GLY A 301 14.38 -23.25 3.83
N ILE A 302 13.33 -22.78 3.16
CA ILE A 302 12.50 -23.65 2.35
C ILE A 302 13.28 -24.22 1.17
N ILE A 303 14.08 -23.36 0.52
CA ILE A 303 14.86 -23.76 -0.64
C ILE A 303 15.98 -24.73 -0.26
N VAL A 304 16.65 -24.46 0.85
CA VAL A 304 17.74 -25.31 1.33
C VAL A 304 17.22 -26.68 1.76
N ALA A 305 16.07 -26.69 2.42
CA ALA A 305 15.44 -27.93 2.86
C ALA A 305 15.07 -28.81 1.68
N LEU A 306 14.62 -28.18 0.59
CA LEU A 306 14.24 -28.91 -0.61
C LEU A 306 15.45 -29.36 -1.41
N PHE A 307 16.60 -28.72 -1.15
CA PHE A 307 17.86 -29.17 -1.72
C PHE A 307 18.27 -30.50 -1.09
N ILE A 308 17.95 -30.65 0.19
CA ILE A 308 18.30 -31.84 0.95
C ILE A 308 17.32 -32.97 0.68
N MET A 309 16.04 -32.64 0.65
CA MET A 309 14.99 -33.62 0.37
C MET A 309 15.08 -34.14 -1.06
N GLU A 310 15.26 -33.22 -1.99
CA GLU A 310 15.32 -33.56 -3.41
C GLU A 310 16.52 -32.88 -4.08
N PRO A 311 17.68 -33.55 -4.04
CA PRO A 311 18.93 -33.03 -4.60
C PRO A 311 18.81 -32.70 -6.08
N PRO A 312 19.04 -31.43 -6.46
CA PRO A 312 18.96 -31.02 -7.86
C PRO A 312 19.97 -31.76 -8.73
N ASP A 313 19.54 -32.13 -9.94
CA ASP A 313 20.38 -32.88 -10.86
C ASP A 313 19.98 -32.57 -12.30
N ILE A 314 20.95 -32.62 -13.21
CA ILE A 314 20.68 -32.39 -14.63
C ILE A 314 19.85 -33.55 -15.19
N MET A 315 18.68 -33.23 -15.72
CA MET A 315 17.77 -34.25 -16.25
C MET A 315 18.30 -34.79 -17.57
N VAL A 324 21.46 -25.54 -25.32
CA VAL A 324 20.96 -24.26 -24.84
C VAL A 324 19.98 -24.45 -23.69
N TYR A 325 18.99 -25.31 -23.87
CA TYR A 325 18.05 -25.62 -22.81
C TYR A 325 18.69 -26.44 -21.71
N LEU A 326 18.46 -26.06 -20.46
CA LEU A 326 18.98 -26.81 -19.32
C LEU A 326 17.83 -27.38 -18.49
N ILE A 327 17.57 -28.66 -18.69
CA ILE A 327 16.49 -29.34 -17.98
C ILE A 327 16.95 -29.89 -16.64
N CYS A 328 16.34 -29.42 -15.57
CA CYS A 328 16.66 -29.91 -14.23
C CYS A 328 15.56 -30.84 -13.71
N ASN A 329 15.91 -31.65 -12.71
CA ASN A 329 14.99 -32.65 -12.18
C ASN A 329 14.05 -32.09 -11.12
N THR A 330 13.92 -30.76 -11.10
CA THR A 330 13.07 -30.10 -10.11
C THR A 330 11.61 -30.54 -10.25
N THR A 331 11.12 -31.21 -9.21
CA THR A 331 9.76 -31.74 -9.20
C THR A 331 8.74 -30.63 -8.92
N ASN A 332 7.48 -31.03 -8.76
CA ASN A 332 6.41 -30.08 -8.48
C ASN A 332 6.58 -29.42 -7.12
N LEU A 333 6.86 -30.23 -6.09
CA LEU A 333 7.02 -29.73 -4.74
C LEU A 333 8.17 -28.73 -4.65
N GLY A 334 9.20 -28.93 -5.46
CA GLY A 334 10.34 -28.02 -5.51
C GLY A 334 9.95 -26.67 -6.07
N VAL A 335 8.84 -26.62 -6.79
CA VAL A 335 8.36 -25.38 -7.37
C VAL A 335 7.22 -24.80 -6.52
N VAL A 336 6.32 -25.65 -6.08
CA VAL A 336 5.12 -25.23 -5.37
C VAL A 336 5.41 -24.56 -4.02
N ALA A 337 6.30 -25.17 -3.23
CA ALA A 337 6.60 -24.68 -1.88
C ALA A 337 7.17 -23.25 -1.86
N PRO A 338 8.19 -22.96 -2.69
CA PRO A 338 8.61 -21.56 -2.70
C PRO A 338 7.62 -20.64 -3.41
N LEU A 339 6.78 -21.22 -4.28
CA LEU A 339 5.74 -20.47 -4.97
C LEU A 339 4.67 -19.99 -4.00
N GLY A 340 4.23 -20.90 -3.13
CA GLY A 340 3.22 -20.59 -2.15
C GLY A 340 3.66 -19.54 -1.16
N TYR A 341 4.91 -19.63 -0.70
CA TYR A 341 5.43 -18.67 0.26
C TYR A 341 5.52 -17.27 -0.36
N ASN A 342 5.96 -17.22 -1.61
CA ASN A 342 5.98 -15.96 -2.34
C ASN A 342 4.57 -15.45 -2.56
N GLY A 343 3.62 -16.38 -2.68
CA GLY A 343 2.22 -16.04 -2.81
C GLY A 343 1.69 -15.36 -1.57
N LEU A 344 2.17 -15.79 -0.41
CA LEU A 344 1.80 -15.16 0.86
C LEU A 344 2.34 -13.74 0.95
N LEU A 345 3.59 -13.57 0.55
CA LEU A 345 4.22 -12.25 0.54
C LEU A 345 3.46 -11.28 -0.36
N ILE A 346 3.12 -11.75 -1.56
CA ILE A 346 2.35 -10.95 -2.52
C ILE A 346 0.97 -10.61 -1.96
N LEU A 347 0.36 -11.58 -1.29
CA LEU A 347 -0.97 -11.39 -0.70
C LEU A 347 -0.96 -10.35 0.41
N ALA A 348 0.08 -10.37 1.24
CA ALA A 348 0.22 -9.40 2.32
C ALA A 348 0.53 -8.02 1.78
N CYS A 349 1.36 -7.96 0.73
CA CYS A 349 1.69 -6.71 0.07
C CYS A 349 0.44 -6.02 -0.47
N THR A 350 -0.35 -6.78 -1.23
CA THR A 350 -1.57 -6.25 -1.84
C THR A 350 -2.58 -5.80 -0.80
N PHE A 351 -2.62 -6.51 0.32
CA PHE A 351 -3.54 -6.19 1.41
C PHE A 351 -3.28 -4.81 1.97
N TYR A 352 -2.02 -4.54 2.32
CA TYR A 352 -1.65 -3.26 2.89
C TYR A 352 -1.57 -2.17 1.83
N ALA A 353 -1.28 -2.55 0.59
CA ALA A 353 -1.22 -1.59 -0.52
C ALA A 353 -2.60 -1.04 -0.84
N PHE A 354 -3.59 -1.93 -0.85
CA PHE A 354 -4.98 -1.54 -1.09
C PHE A 354 -5.45 -0.61 0.04
N LYS A 355 -5.04 -0.94 1.25
CA LYS A 355 -5.40 -0.18 2.44
C LYS A 355 -4.89 1.25 2.39
N THR A 356 -3.75 1.44 1.72
CA THR A 356 -3.11 2.74 1.66
C THR A 356 -3.09 3.33 0.24
N ARG A 357 -4.03 2.89 -0.60
CA ARG A 357 -4.01 3.25 -2.01
C ARG A 357 -4.22 4.75 -2.25
N ASN A 358 -4.96 5.40 -1.35
CA ASN A 358 -5.29 6.81 -1.51
C ASN A 358 -4.29 7.72 -0.80
N VAL A 359 -3.35 7.13 -0.07
CA VAL A 359 -2.32 7.88 0.65
C VAL A 359 -1.45 8.65 -0.35
N PRO A 360 -1.38 9.98 -0.17
CA PRO A 360 -0.75 10.87 -1.15
C PRO A 360 0.72 11.19 -0.89
N ALA A 361 1.35 10.49 0.06
CA ALA A 361 2.75 10.72 0.36
C ALA A 361 3.65 10.41 -0.83
N ASN A 362 4.72 11.19 -0.98
CA ASN A 362 5.66 11.03 -2.08
C ASN A 362 5.02 11.05 -3.46
N PHE A 363 4.32 12.14 -3.77
CA PHE A 363 3.68 12.32 -5.07
C PHE A 363 2.74 11.16 -5.41
N ASN A 364 1.90 10.79 -4.44
CA ASN A 364 0.99 9.65 -4.58
C ASN A 364 1.72 8.37 -4.92
N GLU A 365 2.83 8.12 -4.21
CA GLU A 365 3.63 6.92 -4.40
C GLU A 365 2.84 5.64 -4.20
N ALA A 366 1.90 5.68 -3.26
CA ALA A 366 1.14 4.50 -2.88
C ALA A 366 0.15 4.04 -3.95
N LYS A 367 -0.22 4.96 -4.85
CA LYS A 367 -1.13 4.61 -5.94
C LYS A 367 -0.43 3.70 -6.94
N TYR A 368 0.88 3.87 -7.07
CA TYR A 368 1.67 3.08 -8.02
C TYR A 368 1.97 1.69 -7.48
N ILE A 369 2.16 1.60 -6.17
CA ILE A 369 2.46 0.33 -5.52
C ILE A 369 1.24 -0.59 -5.57
N ALA A 370 0.05 -0.01 -5.43
CA ALA A 370 -1.19 -0.77 -5.46
C ALA A 370 -1.44 -1.37 -6.84
N PHE A 371 -1.18 -0.58 -7.88
CA PHE A 371 -1.40 -1.02 -9.26
C PHE A 371 -0.46 -2.17 -9.61
N THR A 372 0.77 -2.11 -9.12
CA THR A 372 1.75 -3.16 -9.34
C THR A 372 1.26 -4.48 -8.75
N MET A 373 0.81 -4.42 -7.51
CA MET A 373 0.37 -5.62 -6.80
C MET A 373 -0.91 -6.20 -7.40
N TYR A 374 -1.70 -5.35 -8.04
CA TYR A 374 -2.90 -5.83 -8.72
C TYR A 374 -2.51 -6.74 -9.88
N THR A 375 -1.58 -6.26 -10.70
CA THR A 375 -1.09 -7.01 -11.84
C THR A 375 -0.30 -8.24 -11.40
N THR A 376 0.57 -8.05 -10.41
CA THR A 376 1.39 -9.13 -9.87
C THR A 376 0.54 -10.31 -9.39
N CYS A 377 -0.56 -10.00 -8.70
CA CYS A 377 -1.49 -11.03 -8.27
C CYS A 377 -2.08 -11.77 -9.46
N ILE A 378 -2.49 -11.02 -10.48
CA ILE A 378 -3.05 -11.60 -11.69
C ILE A 378 -2.02 -12.46 -12.42
N ILE A 379 -0.82 -11.92 -12.63
CA ILE A 379 0.26 -12.63 -13.31
C ILE A 379 0.60 -13.95 -12.62
N TRP A 380 0.73 -13.89 -11.30
CA TRP A 380 1.13 -15.07 -10.52
C TRP A 380 0.00 -16.10 -10.41
N LEU A 381 -1.24 -15.63 -10.39
CA LEU A 381 -2.39 -16.54 -10.36
C LEU A 381 -2.56 -17.22 -11.70
N ALA A 382 -2.41 -16.45 -12.78
CA ALA A 382 -2.53 -16.99 -14.13
C ALA A 382 -1.36 -17.93 -14.45
N PHE A 383 -0.25 -17.72 -13.76
CA PHE A 383 0.96 -18.52 -13.96
C PHE A 383 0.74 -20.00 -13.66
N VAL A 384 -0.01 -20.27 -12.59
CA VAL A 384 -0.16 -21.64 -12.09
C VAL A 384 -0.79 -22.61 -13.11
N PRO A 385 -1.94 -22.25 -13.72
CA PRO A 385 -2.46 -23.22 -14.69
C PRO A 385 -1.67 -23.22 -16.00
N ILE A 386 -1.03 -22.10 -16.31
CA ILE A 386 -0.27 -21.98 -17.55
C ILE A 386 1.03 -22.78 -17.49
N TYR A 387 1.79 -22.61 -16.41
CA TYR A 387 3.07 -23.30 -16.26
C TYR A 387 2.90 -24.80 -16.11
N PHE A 388 2.10 -25.21 -15.13
CA PHE A 388 1.93 -26.63 -14.82
C PHE A 388 1.18 -27.38 -15.93
N GLY A 389 0.60 -26.63 -16.87
CA GLY A 389 -0.08 -27.23 -18.00
C GLY A 389 0.68 -27.05 -19.29
N SER A 390 1.94 -26.62 -19.17
CA SER A 390 2.75 -26.31 -20.35
C SER A 390 3.71 -27.44 -20.73
N ASN A 391 4.03 -27.51 -22.02
CA ASN A 391 5.03 -28.44 -22.52
C ASN A 391 6.29 -27.67 -22.90
N TYR A 392 6.34 -26.41 -22.49
CA TYR A 392 7.50 -25.55 -22.70
C TYR A 392 7.75 -24.76 -21.43
N LYS A 393 8.05 -25.47 -20.35
CA LYS A 393 8.13 -24.87 -19.01
C LYS A 393 9.28 -23.88 -18.83
N ILE A 394 10.45 -24.20 -19.39
CA ILE A 394 11.62 -23.33 -19.23
C ILE A 394 11.40 -21.94 -19.83
N ILE A 395 10.89 -21.90 -21.06
CA ILE A 395 10.62 -20.64 -21.72
C ILE A 395 9.45 -19.90 -21.05
N THR A 396 8.43 -20.66 -20.66
CA THR A 396 7.29 -20.10 -19.95
C THR A 396 7.74 -19.50 -18.62
N MET A 397 8.70 -20.15 -17.97
CA MET A 397 9.26 -19.64 -16.73
C MET A 397 10.06 -18.36 -16.99
N CYS A 398 10.83 -18.36 -18.08
CA CYS A 398 11.65 -17.20 -18.45
C CYS A 398 10.82 -15.93 -18.63
N PHE A 399 9.73 -16.04 -19.37
CA PHE A 399 8.87 -14.89 -19.64
C PHE A 399 8.08 -14.46 -18.40
N SER A 400 7.62 -15.44 -17.62
CA SER A 400 6.87 -15.17 -16.40
C SER A 400 7.71 -14.37 -15.41
N VAL A 401 8.96 -14.81 -15.23
CA VAL A 401 9.89 -14.15 -14.33
C VAL A 401 10.20 -12.72 -14.78
N SER A 402 10.55 -12.58 -16.05
CA SER A 402 10.91 -11.28 -16.61
C SER A 402 9.72 -10.31 -16.63
N LEU A 403 8.53 -10.83 -16.91
CA LEU A 403 7.32 -10.01 -16.89
C LEU A 403 7.02 -9.56 -15.46
N SER A 404 7.17 -10.47 -14.51
CA SER A 404 6.97 -10.17 -13.10
C SER A 404 7.96 -9.10 -12.62
N ALA A 405 9.18 -9.17 -13.14
CA ALA A 405 10.21 -8.22 -12.77
C ALA A 405 10.06 -6.89 -13.52
N THR A 406 9.49 -6.95 -14.71
CA THR A 406 9.29 -5.75 -15.53
C THR A 406 8.17 -4.88 -14.96
N VAL A 407 7.11 -5.52 -14.49
CA VAL A 407 5.97 -4.80 -13.93
C VAL A 407 6.38 -4.03 -12.68
N ALA A 408 7.11 -4.68 -11.80
CA ALA A 408 7.56 -4.06 -10.56
C ALA A 408 8.55 -2.93 -10.84
N LEU A 409 9.28 -3.06 -11.94
CA LEU A 409 10.27 -2.06 -12.32
C LEU A 409 9.63 -0.87 -13.04
N GLY A 410 8.63 -1.15 -13.87
CA GLY A 410 8.02 -0.13 -14.68
C GLY A 410 6.99 0.73 -13.98
N CYS A 411 6.31 0.15 -12.99
CA CYS A 411 5.20 0.84 -12.34
C CYS A 411 5.62 1.54 -11.04
N MET A 412 6.74 1.13 -10.47
CA MET A 412 7.17 1.70 -9.19
C MET A 412 8.36 2.65 -9.30
N PHE A 413 9.31 2.33 -10.19
CA PHE A 413 10.56 3.08 -10.26
C PHE A 413 10.61 4.06 -11.43
N VAL A 414 10.16 3.62 -12.59
CA VAL A 414 10.09 4.47 -13.78
C VAL A 414 9.34 5.79 -13.53
N PRO A 415 8.20 5.77 -12.83
CA PRO A 415 7.55 7.06 -12.56
C PRO A 415 8.41 7.98 -11.70
N LYS A 416 9.17 7.43 -10.76
CA LYS A 416 10.01 8.24 -9.88
C LYS A 416 11.26 8.72 -10.61
N VAL A 417 11.76 7.90 -11.53
CA VAL A 417 12.90 8.27 -12.35
C VAL A 417 12.52 9.41 -13.30
N TYR A 418 11.31 9.32 -13.85
CA TYR A 418 10.78 10.34 -14.74
C TYR A 418 10.66 11.70 -14.03
N ILE A 419 10.10 11.68 -12.83
CA ILE A 419 9.94 12.88 -12.03
C ILE A 419 11.30 13.52 -11.69
N ILE A 420 12.28 12.67 -11.41
CA ILE A 420 13.57 13.14 -10.94
C ILE A 420 14.41 13.72 -12.08
N LEU A 421 14.07 13.36 -13.32
CA LEU A 421 14.82 13.82 -14.47
C LEU A 421 14.09 14.91 -15.24
N ALA A 422 12.77 14.81 -15.31
CA ALA A 422 11.97 15.71 -16.14
C ALA A 422 11.33 16.83 -15.33
N LYS A 423 11.22 16.64 -14.02
CA LYS A 423 10.57 17.63 -13.15
C LYS A 423 11.45 18.07 -11.97
N PRO A 424 12.57 18.76 -12.26
CA PRO A 424 13.46 19.20 -11.18
C PRO A 424 12.90 20.39 -10.40
N GLU A 425 11.76 20.93 -10.84
CA GLU A 425 11.14 22.06 -10.15
C GLU A 425 10.01 21.60 -9.24
N ARG A 426 9.47 20.42 -9.54
CA ARG A 426 8.41 19.83 -8.74
C ARG A 426 8.91 19.45 -7.35
C1 OLA B . 0.44 -29.74 -10.44
O1 OLA B . -0.23 -30.57 -11.06
O2 OLA B . 1.60 -29.96 -10.12
C2 OLA B . -0.17 -28.42 -10.09
C3 OLA B . 0.08 -28.04 -8.63
C4 OLA B . -0.69 -26.82 -8.16
C5 OLA B . 0.17 -25.96 -7.25
C6 OLA B . -0.51 -25.63 -5.93
C7 OLA B . -1.41 -24.42 -6.13
C8 OLA B . -0.65 -23.12 -6.19
C9 OLA B . -0.81 -22.47 -4.85
C10 OLA B . -0.30 -21.29 -4.55
C11 OLA B . 0.58 -20.56 -5.50
C12 OLA B . -0.22 -19.45 -6.19
C13 OLA B . 0.35 -18.13 -5.76
C14 OLA B . -0.74 -17.16 -5.40
C15 OLA B . -0.63 -15.97 -6.33
C16 OLA B . 0.08 -14.78 -5.71
C17 OLA B . -0.85 -14.00 -4.82
C18 OLA B . -2.05 -13.55 -5.57
C1 OLA C . 24.69 -15.19 -28.29
O1 OLA C . 25.79 -14.63 -28.33
O2 OLA C . 24.55 -16.36 -28.67
C2 OLA C . 23.50 -14.44 -27.77
C3 OLA C . 23.71 -12.94 -27.88
C4 OLA C . 22.51 -12.11 -27.47
C5 OLA C . 22.95 -10.80 -26.84
C6 OLA C . 22.04 -9.63 -27.16
C7 OLA C . 22.71 -8.35 -26.72
C8 OLA C . 21.93 -7.10 -27.10
C9 OLA C . 20.78 -6.98 -26.15
C10 OLA C . 20.38 -5.83 -25.65
C11 OLA C . 21.15 -4.56 -25.86
C12 OLA C . 20.35 -3.59 -26.72
C13 OLA C . 20.47 -2.22 -26.14
C1 OLA D . 22.57 -29.93 -0.52
O1 OLA D . 22.50 -30.39 0.61
O2 OLA D . 22.63 -30.66 -1.51
C2 OLA D . 22.59 -28.44 -0.71
C3 OLA D . 22.86 -27.71 0.59
C4 OLA D . 22.29 -26.30 0.62
C5 OLA D . 23.35 -25.28 0.26
C6 OLA D . 22.81 -24.13 -0.56
C7 OLA D . 23.29 -22.82 0.03
C8 OLA D . 23.27 -21.68 -0.97
C9 OLA D . 22.59 -20.52 -0.29
C10 OLA D . 22.80 -19.26 -0.63
C11 OLA D . 23.68 -18.87 -1.77
C12 OLA D . 23.00 -17.82 -2.61
C1 OLA E . 23.95 -19.34 -22.78
O1 OLA E . 24.82 -19.91 -22.11
O2 OLA E . 23.61 -19.79 -23.87
C2 OLA E . 23.31 -18.11 -22.25
C3 OLA E . 24.23 -16.91 -22.36
C4 OLA E . 24.44 -16.43 -23.79
C5 OLA E . 24.04 -14.98 -23.93
C6 OLA E . 24.65 -14.09 -22.86
C7 OLA E . 25.31 -12.89 -23.51
C8 OLA E . 24.47 -11.64 -23.45
C9 OLA E . 25.34 -10.50 -23.90
C10 OLA E . 24.90 -9.27 -24.02
C11 OLA E . 25.77 -8.17 -24.57
C01 51E F . 7.50 -15.22 -11.25
C02 51E F . 6.41 -16.05 -11.54
C03 51E F . 6.44 -17.41 -11.15
C04 51E F . 7.57 -17.92 -10.50
C6 51E F . 8.67 -17.08 -10.22
C7 51E F . 8.65 -15.71 -10.60
C8 51E F . 9.80 -14.82 -10.31
C9 51E F . 9.61 -13.48 -9.99
C10 51E F . 10.77 -12.72 -9.74
N11 51E F . 11.98 -13.28 -9.78
C12 51E F . 12.05 -14.56 -10.09
N13 51E F . 11.02 -15.36 -10.36
C19 51E F . 7.61 -19.33 -10.10
N20 51E F . 7.64 -20.44 -9.79
CL 51E F . 5.02 -15.42 -12.34
C1 51E F . 10.32 -8.59 -8.76
C2 51E F . 11.58 -9.19 -8.55
C3 51E F . 11.77 -10.54 -8.86
C4 51E F . 10.68 -11.28 -9.38
N1 51E F . 9.47 -10.70 -9.57
C5 51E F . 9.29 -9.40 -9.27
F1 51E F . 10.11 -7.30 -8.47
#